data_5VAV
#
_entry.id   5VAV
#
_entity_poly.entity_id   1
_entity_poly.type   'polypeptide(L)'
_entity_poly.pdbx_seq_one_letter_code
;GRCTQAWPPICFPD
;
_entity_poly.pdbx_strand_id   A
#
# COMPACT_ATOMS: atom_id res chain seq x y z
N GLY A 1 -2.36 2.58 -7.35
CA GLY A 1 -2.60 3.85 -6.67
C GLY A 1 -2.83 3.66 -5.18
N ARG A 2 -3.70 2.72 -4.83
CA ARG A 2 -4.00 2.46 -3.42
C ARG A 2 -2.75 2.04 -2.66
N CYS A 3 -2.76 2.26 -1.36
CA CYS A 3 -1.62 1.90 -0.51
C CYS A 3 -2.03 1.83 0.96
N THR A 4 -1.23 1.14 1.76
CA THR A 4 -1.51 0.98 3.18
C THR A 4 -0.86 2.09 3.99
N GLN A 5 -1.62 2.67 4.92
CA GLN A 5 -1.12 3.74 5.76
C GLN A 5 -0.13 3.21 6.80
N ALA A 6 -0.41 2.01 7.31
CA ALA A 6 0.45 1.39 8.30
C ALA A 6 1.24 0.23 7.70
N TRP A 7 1.98 -0.48 8.54
CA TRP A 7 2.78 -1.61 8.10
C TRP A 7 1.98 -2.90 8.15
N PRO A 8 2.45 -3.93 7.42
CA PRO A 8 3.66 -3.82 6.60
C PRO A 8 3.47 -2.92 5.39
N PRO A 9 4.58 -2.56 4.73
CA PRO A 9 4.56 -1.70 3.55
C PRO A 9 3.95 -2.39 2.34
N ILE A 10 2.62 -2.35 2.25
CA ILE A 10 1.91 -2.97 1.14
C ILE A 10 1.29 -1.92 0.22
N CYS A 11 1.85 -1.77 -0.97
CA CYS A 11 1.35 -0.80 -1.94
C CYS A 11 0.82 -1.50 -3.18
N PHE A 12 -0.37 -1.10 -3.62
CA PHE A 12 -1.00 -1.69 -4.80
C PHE A 12 -0.50 -1.01 -6.07
N PRO A 13 -0.67 -1.69 -7.22
CA PRO A 13 -0.25 -1.17 -8.51
C PRO A 13 -1.11 0.00 -8.98
N ASP A 14 -2.38 -0.02 -8.60
CA ASP A 14 -3.31 1.03 -8.98
C ASP A 14 -2.74 2.40 -8.61
N GLY A 1 -2.59 2.54 -7.35
CA GLY A 1 -3.00 3.75 -6.65
C GLY A 1 -3.12 3.55 -5.15
N ARG A 2 -4.02 2.65 -4.75
CA ARG A 2 -4.22 2.37 -3.33
C ARG A 2 -2.90 2.06 -2.64
N CYS A 3 -2.85 2.31 -1.34
CA CYS A 3 -1.64 2.06 -0.55
C CYS A 3 -1.97 1.98 0.93
N THR A 4 -1.04 1.43 1.71
CA THR A 4 -1.23 1.29 3.15
C THR A 4 -0.31 2.26 3.90
N GLN A 5 -0.91 3.23 4.58
CA GLN A 5 -0.16 4.21 5.35
C GLN A 5 0.62 3.54 6.47
N ALA A 6 -0.03 2.61 7.17
CA ALA A 6 0.61 1.89 8.26
C ALA A 6 1.14 0.55 7.80
N TRP A 7 2.27 0.13 8.38
CA TRP A 7 2.89 -1.14 8.01
C TRP A 7 1.90 -2.28 8.15
N PRO A 8 2.20 -3.41 7.50
CA PRO A 8 3.42 -3.55 6.69
C PRO A 8 3.37 -2.72 5.42
N PRO A 9 4.53 -2.59 4.76
CA PRO A 9 4.66 -1.82 3.52
C PRO A 9 3.94 -2.49 2.34
N ILE A 10 2.63 -2.29 2.26
CA ILE A 10 1.83 -2.88 1.19
C ILE A 10 1.20 -1.80 0.33
N CYS A 11 1.67 -1.66 -0.90
CA CYS A 11 1.15 -0.66 -1.83
C CYS A 11 0.61 -1.32 -3.09
N PHE A 12 -0.60 -0.94 -3.48
CA PHE A 12 -1.22 -1.49 -4.67
C PHE A 12 -0.61 -0.90 -5.94
N PRO A 13 -0.79 -1.60 -7.08
CA PRO A 13 -0.27 -1.16 -8.37
C PRO A 13 -0.98 0.08 -8.89
N ASP A 14 -2.31 0.06 -8.84
CA ASP A 14 -3.11 1.19 -9.31
C ASP A 14 -2.63 2.50 -8.69
N GLY A 1 -2.65 1.83 -7.66
CA GLY A 1 -2.65 3.18 -7.14
C GLY A 1 -2.69 3.22 -5.64
N ARG A 2 -3.79 2.75 -5.06
CA ARG A 2 -3.95 2.75 -3.61
C ARG A 2 -2.75 2.09 -2.93
N CYS A 3 -2.66 2.26 -1.62
CA CYS A 3 -1.56 1.69 -0.84
C CYS A 3 -2.01 1.34 0.57
N THR A 4 -1.20 0.55 1.27
CA THR A 4 -1.51 0.15 2.64
C THR A 4 -1.09 1.22 3.63
N GLN A 5 -2.05 1.73 4.39
CA GLN A 5 -1.76 2.76 5.39
C GLN A 5 -0.86 2.23 6.49
N ALA A 6 -1.26 1.11 7.08
CA ALA A 6 -0.48 0.48 8.15
C ALA A 6 0.53 -0.50 7.59
N TRP A 7 1.48 -0.90 8.42
CA TRP A 7 2.52 -1.86 8.01
C TRP A 7 1.93 -3.25 7.82
N PRO A 8 2.66 -4.10 7.08
CA PRO A 8 3.94 -3.73 6.48
C PRO A 8 3.79 -2.73 5.34
N PRO A 9 4.91 -2.14 4.90
CA PRO A 9 4.92 -1.17 3.81
C PRO A 9 4.61 -1.79 2.46
N ILE A 10 3.31 -1.97 2.19
CA ILE A 10 2.89 -2.57 0.93
C ILE A 10 2.05 -1.58 0.12
N CYS A 11 2.09 -1.71 -1.20
CA CYS A 11 1.34 -0.83 -2.09
C CYS A 11 0.66 -1.64 -3.19
N PHE A 12 -0.57 -1.25 -3.53
CA PHE A 12 -1.34 -1.92 -4.57
C PHE A 12 -0.82 -1.54 -5.95
N PRO A 13 -1.14 -2.38 -6.95
CA PRO A 13 -0.73 -2.15 -8.34
C PRO A 13 -1.44 -0.96 -8.98
N ASP A 14 -2.75 -0.87 -8.72
CA ASP A 14 -3.54 0.22 -9.27
C ASP A 14 -2.91 1.57 -8.96
N GLY A 1 -2.27 1.95 -7.38
CA GLY A 1 -2.25 3.32 -6.93
C GLY A 1 -2.37 3.45 -5.42
N ARG A 2 -3.35 2.76 -4.85
CA ARG A 2 -3.57 2.80 -3.42
C ARG A 2 -2.38 2.23 -2.66
N CYS A 3 -2.23 2.63 -1.40
CA CYS A 3 -1.12 2.15 -0.58
C CYS A 3 -1.60 1.84 0.84
N THR A 4 -0.72 1.24 1.64
CA THR A 4 -1.04 0.90 3.02
C THR A 4 -0.44 1.91 3.99
N GLN A 5 -1.30 2.66 4.67
CA GLN A 5 -0.85 3.65 5.63
C GLN A 5 -0.02 3.01 6.74
N ALA A 6 -0.40 1.79 7.12
CA ALA A 6 0.30 1.06 8.17
C ALA A 6 1.31 0.08 7.58
N TRP A 7 1.85 -0.78 8.42
CA TRP A 7 2.83 -1.77 7.98
C TRP A 7 2.20 -3.16 7.90
N PRO A 8 2.85 -4.06 7.15
CA PRO A 8 4.10 -3.75 6.45
C PRO A 8 3.89 -2.79 5.27
N PRO A 9 4.98 -2.21 4.78
CA PRO A 9 4.94 -1.27 3.65
C PRO A 9 4.58 -1.96 2.34
N ILE A 10 3.29 -2.21 2.13
CA ILE A 10 2.82 -2.86 0.92
C ILE A 10 1.89 -1.95 0.13
N CYS A 11 2.32 -1.54 -1.06
CA CYS A 11 1.53 -0.67 -1.90
C CYS A 11 0.80 -1.47 -2.98
N PHE A 12 -0.50 -1.21 -3.11
CA PHE A 12 -1.32 -1.92 -4.09
C PHE A 12 -0.87 -1.58 -5.51
N PRO A 13 -1.25 -2.44 -6.47
CA PRO A 13 -0.89 -2.26 -7.88
C PRO A 13 -1.60 -1.07 -8.52
N ASP A 14 -2.82 -0.81 -8.06
CA ASP A 14 -3.61 0.31 -8.58
C ASP A 14 -2.81 1.61 -8.55
N GLY A 1 -2.86 2.00 -7.48
CA GLY A 1 -2.10 3.11 -6.95
C GLY A 1 -2.23 3.24 -5.45
N ARG A 2 -3.39 2.85 -4.92
CA ARG A 2 -3.63 2.94 -3.49
C ARG A 2 -2.52 2.24 -2.71
N CYS A 3 -2.28 2.71 -1.48
CA CYS A 3 -1.25 2.14 -0.63
C CYS A 3 -1.78 1.88 0.77
N THR A 4 -1.01 1.14 1.57
CA THR A 4 -1.40 0.82 2.93
C THR A 4 -0.89 1.86 3.93
N GLN A 5 -1.74 2.27 4.84
CA GLN A 5 -1.38 3.26 5.85
C GLN A 5 -0.48 2.64 6.92
N ALA A 6 -0.84 1.42 7.34
CA ALA A 6 -0.07 0.73 8.36
C ALA A 6 0.92 -0.26 7.73
N TRP A 7 1.74 -0.88 8.57
CA TRP A 7 2.72 -1.84 8.09
C TRP A 7 2.11 -3.23 7.98
N PRO A 8 2.77 -4.11 7.21
CA PRO A 8 4.01 -3.77 6.50
C PRO A 8 3.77 -2.78 5.36
N PRO A 9 4.87 -2.23 4.82
CA PRO A 9 4.80 -1.26 3.72
C PRO A 9 4.37 -1.92 2.41
N ILE A 10 3.06 -2.01 2.19
CA ILE A 10 2.53 -2.62 0.98
C ILE A 10 1.85 -1.57 0.11
N CYS A 11 1.93 -1.77 -1.21
CA CYS A 11 1.33 -0.85 -2.16
C CYS A 11 0.71 -1.60 -3.34
N PHE A 12 -0.53 -1.24 -3.67
CA PHE A 12 -1.24 -1.89 -4.77
C PHE A 12 -0.78 -1.33 -6.12
N PRO A 13 -1.02 -2.08 -7.20
CA PRO A 13 -0.64 -1.69 -8.55
C PRO A 13 -1.47 -0.51 -9.06
N ASP A 14 -2.78 -0.56 -8.80
CA ASP A 14 -3.67 0.51 -9.23
C ASP A 14 -3.16 1.88 -8.79
N GLY A 1 -2.89 1.78 -7.59
CA GLY A 1 -2.10 2.91 -7.11
C GLY A 1 -2.22 3.11 -5.62
N ARG A 2 -3.38 2.77 -5.06
CA ARG A 2 -3.62 2.92 -3.64
C ARG A 2 -2.61 2.12 -2.83
N CYS A 3 -2.29 2.61 -1.63
CA CYS A 3 -1.34 1.94 -0.77
C CYS A 3 -1.96 1.63 0.59
N THR A 4 -1.23 0.86 1.41
CA THR A 4 -1.72 0.48 2.73
C THR A 4 -1.49 1.59 3.74
N GLN A 5 -1.95 1.37 4.97
CA GLN A 5 -1.78 2.35 6.04
C GLN A 5 -0.75 1.89 7.06
N ALA A 6 -1.05 0.79 7.74
CA ALA A 6 -0.15 0.24 8.74
C ALA A 6 0.82 -0.77 8.12
N TRP A 7 2.02 -0.86 8.69
CA TRP A 7 3.02 -1.79 8.19
C TRP A 7 2.49 -3.21 8.15
N PRO A 8 3.15 -4.07 7.35
CA PRO A 8 4.33 -3.68 6.56
C PRO A 8 3.97 -2.75 5.42
N PRO A 9 5.00 -2.14 4.80
CA PRO A 9 4.82 -1.22 3.68
C PRO A 9 4.35 -1.93 2.41
N ILE A 10 3.05 -1.90 2.17
CA ILE A 10 2.47 -2.54 0.99
C ILE A 10 1.81 -1.52 0.08
N CYS A 11 1.81 -1.80 -1.22
CA CYS A 11 1.19 -0.91 -2.19
C CYS A 11 0.59 -1.70 -3.35
N PHE A 12 -0.65 -1.38 -3.70
CA PHE A 12 -1.35 -2.06 -4.78
C PHE A 12 -0.86 -1.54 -6.14
N PRO A 13 -1.10 -2.34 -7.19
CA PRO A 13 -0.70 -1.98 -8.56
C PRO A 13 -1.53 -0.83 -9.12
N ASP A 14 -2.81 -0.82 -8.80
CA ASP A 14 -3.71 0.23 -9.26
C ASP A 14 -3.19 1.61 -8.89
N GLY A 1 -2.74 1.85 -7.70
CA GLY A 1 -1.87 2.94 -7.30
C GLY A 1 -1.95 3.21 -5.81
N ARG A 2 -3.12 2.97 -5.22
CA ARG A 2 -3.33 3.19 -3.79
C ARG A 2 -2.38 2.32 -2.97
N CYS A 3 -2.04 2.80 -1.78
CA CYS A 3 -1.14 2.08 -0.89
C CYS A 3 -1.83 1.75 0.43
N THR A 4 -1.15 0.95 1.26
CA THR A 4 -1.71 0.56 2.55
C THR A 4 -1.47 1.65 3.59
N GLN A 5 -1.99 1.43 4.80
CA GLN A 5 -1.84 2.40 5.88
C GLN A 5 -0.88 1.88 6.95
N ALA A 6 -1.25 0.76 7.57
CA ALA A 6 -0.42 0.16 8.61
C ALA A 6 0.58 -0.83 8.01
N TRP A 7 1.78 -0.88 8.58
CA TRP A 7 2.81 -1.78 8.10
C TRP A 7 2.30 -3.21 8.02
N PRO A 8 3.00 -4.05 7.25
CA PRO A 8 4.19 -3.64 6.51
C PRO A 8 3.87 -2.69 5.36
N PRO A 9 4.91 -2.07 4.80
CA PRO A 9 4.77 -1.13 3.67
C PRO A 9 4.35 -1.83 2.39
N ILE A 10 3.05 -1.85 2.11
CA ILE A 10 2.54 -2.49 0.91
C ILE A 10 1.84 -1.46 0.00
N CYS A 11 1.88 -1.72 -1.30
CA CYS A 11 1.26 -0.83 -2.27
C CYS A 11 0.60 -1.62 -3.39
N PHE A 12 -0.65 -1.28 -3.69
CA PHE A 12 -1.39 -1.97 -4.75
C PHE A 12 -0.91 -1.53 -6.13
N PRO A 13 -1.20 -2.36 -7.14
CA PRO A 13 -0.80 -2.08 -8.52
C PRO A 13 -1.56 -0.90 -9.13
N ASP A 14 -2.84 -0.81 -8.80
CA ASP A 14 -3.69 0.27 -9.30
C ASP A 14 -3.07 1.63 -8.99
N GLY A 1 -3.51 1.99 -7.29
CA GLY A 1 -2.27 2.50 -6.73
C GLY A 1 -2.41 2.93 -5.29
N ARG A 2 -3.20 2.17 -4.52
CA ARG A 2 -3.43 2.48 -3.12
C ARG A 2 -2.25 2.01 -2.27
N CYS A 3 -2.21 2.47 -1.02
CA CYS A 3 -1.13 2.11 -0.10
C CYS A 3 -1.70 1.70 1.26
N THR A 4 -0.83 1.18 2.12
CA THR A 4 -1.23 0.75 3.45
C THR A 4 -0.68 1.68 4.52
N GLN A 5 -1.58 2.37 5.22
CA GLN A 5 -1.18 3.29 6.27
C GLN A 5 -0.29 2.60 7.30
N ALA A 6 -0.58 1.33 7.56
CA ALA A 6 0.20 0.56 8.52
C ALA A 6 1.23 -0.31 7.81
N TRP A 7 1.85 -1.21 8.57
CA TRP A 7 2.87 -2.10 8.01
C TRP A 7 2.32 -3.51 7.82
N PRO A 8 3.00 -4.30 6.99
CA PRO A 8 4.21 -3.86 6.28
C PRO A 8 3.90 -2.82 5.21
N PRO A 9 4.95 -2.13 4.73
CA PRO A 9 4.81 -1.10 3.70
C PRO A 9 4.47 -1.69 2.33
N ILE A 10 3.19 -1.99 2.13
CA ILE A 10 2.73 -2.56 0.87
C ILE A 10 1.73 -1.63 0.18
N CYS A 11 1.73 -1.67 -1.15
CA CYS A 11 0.84 -0.83 -1.93
C CYS A 11 0.31 -1.59 -3.15
N PHE A 12 -0.95 -1.35 -3.48
CA PHE A 12 -1.58 -2.01 -4.63
C PHE A 12 -1.14 -1.36 -5.93
N PRO A 13 -1.30 -2.11 -7.04
CA PRO A 13 -0.92 -1.63 -8.37
C PRO A 13 -1.83 -0.51 -8.87
N ASP A 14 -3.12 -0.64 -8.59
CA ASP A 14 -4.10 0.36 -9.00
C ASP A 14 -3.66 1.75 -8.59
N GLY A 1 -3.17 2.42 -7.30
CA GLY A 1 -2.80 3.59 -6.53
C GLY A 1 -2.94 3.38 -5.03
N ARG A 2 -3.90 2.55 -4.65
CA ARG A 2 -4.14 2.27 -3.24
C ARG A 2 -2.85 1.88 -2.53
N CYS A 3 -2.71 2.30 -1.28
CA CYS A 3 -1.52 1.99 -0.50
C CYS A 3 -1.80 2.11 1.00
N THR A 4 -1.26 1.19 1.78
CA THR A 4 -1.45 1.20 3.23
C THR A 4 -0.60 2.27 3.89
N GLN A 5 -1.24 3.15 4.64
CA GLN A 5 -0.53 4.23 5.34
C GLN A 5 0.42 3.66 6.38
N ALA A 6 -0.02 2.62 7.08
CA ALA A 6 0.80 1.98 8.10
C ALA A 6 1.46 0.72 7.57
N TRP A 7 2.17 0.01 8.45
CA TRP A 7 2.86 -1.21 8.07
C TRP A 7 1.96 -2.43 8.28
N PRO A 8 2.30 -3.54 7.63
CA PRO A 8 3.47 -3.62 6.74
C PRO A 8 3.29 -2.80 5.47
N PRO A 9 4.38 -2.60 4.73
CA PRO A 9 4.38 -1.85 3.48
C PRO A 9 3.64 -2.58 2.36
N ILE A 10 2.32 -2.49 2.36
CA ILE A 10 1.50 -3.14 1.34
C ILE A 10 0.73 -2.12 0.51
N CYS A 11 1.11 -2.00 -0.75
CA CYS A 11 0.45 -1.07 -1.66
C CYS A 11 0.22 -1.70 -3.03
N PHE A 12 -0.72 -1.15 -3.79
CA PHE A 12 -1.03 -1.66 -5.12
C PHE A 12 -0.57 -0.67 -6.19
N PRO A 13 -0.42 -1.18 -7.43
CA PRO A 13 0.00 -0.37 -8.57
C PRO A 13 -1.06 0.64 -9.00
N ASP A 14 -2.31 0.22 -8.93
CA ASP A 14 -3.43 1.08 -9.31
C ASP A 14 -3.32 2.44 -8.63
N GLY A 1 -3.17 1.90 -6.91
CA GLY A 1 -2.39 3.02 -6.41
C GLY A 1 -2.45 3.14 -4.89
N ARG A 2 -3.58 2.73 -4.32
CA ARG A 2 -3.76 2.79 -2.87
C ARG A 2 -2.65 2.01 -2.15
N CYS A 3 -2.27 2.50 -0.98
CA CYS A 3 -1.23 1.86 -0.19
C CYS A 3 -1.67 1.65 1.25
N THR A 4 -1.07 0.69 1.93
CA THR A 4 -1.40 0.40 3.32
C THR A 4 -0.85 1.45 4.25
N GLN A 5 -1.74 2.16 4.94
CA GLN A 5 -1.33 3.21 5.86
C GLN A 5 -0.39 2.66 6.92
N ALA A 6 -0.63 1.43 7.33
CA ALA A 6 0.21 0.78 8.35
C ALA A 6 1.24 -0.15 7.71
N TRP A 7 1.90 -0.95 8.52
CA TRP A 7 2.91 -1.88 8.03
C TRP A 7 2.35 -3.29 7.95
N PRO A 8 3.02 -4.14 7.16
CA PRO A 8 4.23 -3.75 6.41
C PRO A 8 3.92 -2.79 5.28
N PRO A 9 4.97 -2.14 4.75
CA PRO A 9 4.85 -1.19 3.65
C PRO A 9 4.46 -1.86 2.33
N ILE A 10 3.18 -2.13 2.15
CA ILE A 10 2.69 -2.77 0.94
C ILE A 10 1.72 -1.87 0.19
N CYS A 11 2.05 -1.58 -1.06
CA CYS A 11 1.20 -0.73 -1.90
C CYS A 11 0.59 -1.51 -3.04
N PHE A 12 -0.69 -1.25 -3.33
CA PHE A 12 -1.39 -1.94 -4.40
C PHE A 12 -0.98 -1.37 -5.76
N PRO A 13 -1.24 -2.16 -6.82
CA PRO A 13 -0.90 -1.77 -8.19
C PRO A 13 -1.79 -0.63 -8.70
N ASP A 14 -3.04 -0.63 -8.25
CA ASP A 14 -3.99 0.41 -8.66
C ASP A 14 -3.52 1.78 -8.21
N GLY A 1 -2.55 2.56 -7.42
CA GLY A 1 -3.02 3.69 -6.66
C GLY A 1 -3.21 3.38 -5.19
N ARG A 2 -4.01 2.37 -4.90
CA ARG A 2 -4.27 1.97 -3.51
C ARG A 2 -2.95 1.75 -2.77
N CYS A 3 -2.95 2.06 -1.47
CA CYS A 3 -1.76 1.90 -0.65
C CYS A 3 -2.12 1.90 0.84
N THR A 4 -1.40 1.12 1.62
CA THR A 4 -1.64 1.03 3.05
C THR A 4 -0.82 2.06 3.82
N GLN A 5 -1.52 2.96 4.52
CA GLN A 5 -0.86 3.99 5.30
C GLN A 5 0.03 3.39 6.38
N ALA A 6 -0.48 2.36 7.05
CA ALA A 6 0.27 1.70 8.11
C ALA A 6 1.09 0.54 7.55
N TRP A 7 1.64 -0.28 8.44
CA TRP A 7 2.45 -1.42 8.03
C TRP A 7 1.65 -2.71 8.11
N PRO A 8 2.12 -3.74 7.39
CA PRO A 8 3.34 -3.65 6.57
C PRO A 8 3.16 -2.76 5.35
N PRO A 9 4.29 -2.33 4.76
CA PRO A 9 4.28 -1.47 3.58
C PRO A 9 3.78 -2.20 2.33
N ILE A 10 2.47 -2.36 2.24
CA ILE A 10 1.86 -3.03 1.10
C ILE A 10 0.93 -2.10 0.33
N CYS A 11 1.24 -1.86 -0.94
CA CYS A 11 0.43 -0.99 -1.78
C CYS A 11 0.27 -1.58 -3.18
N PHE A 12 -0.91 -1.39 -3.76
CA PHE A 12 -1.19 -1.90 -5.10
C PHE A 12 -0.58 -0.99 -6.17
N PRO A 13 -0.43 -1.54 -7.38
CA PRO A 13 0.14 -0.80 -8.52
C PRO A 13 -0.80 0.30 -9.02
N ASP A 14 -2.09 0.09 -8.84
CA ASP A 14 -3.09 1.07 -9.28
C ASP A 14 -2.76 2.46 -8.74
N GLY A 1 -2.74 1.95 -7.33
CA GLY A 1 -1.82 3.02 -6.97
C GLY A 1 -1.86 3.32 -5.48
N ARG A 2 -3.02 3.13 -4.86
CA ARG A 2 -3.19 3.38 -3.44
C ARG A 2 -2.27 2.48 -2.62
N CYS A 3 -1.77 3.00 -1.50
CA CYS A 3 -0.88 2.26 -0.63
C CYS A 3 -1.50 2.07 0.76
N THR A 4 -0.85 1.26 1.59
CA THR A 4 -1.33 0.99 2.93
C THR A 4 -0.72 1.97 3.94
N GLN A 5 -1.58 2.75 4.59
CA GLN A 5 -1.14 3.72 5.57
C GLN A 5 -0.42 3.05 6.73
N ALA A 6 -0.90 1.86 7.11
CA ALA A 6 -0.31 1.10 8.20
C ALA A 6 0.50 -0.09 7.68
N TRP A 7 1.65 -0.32 8.27
CA TRP A 7 2.52 -1.42 7.86
C TRP A 7 1.74 -2.73 7.83
N PRO A 8 2.28 -3.73 7.11
CA PRO A 8 3.55 -3.58 6.40
C PRO A 8 3.44 -2.65 5.19
N PRO A 9 4.59 -2.19 4.69
CA PRO A 9 4.64 -1.29 3.53
C PRO A 9 4.24 -1.97 2.24
N ILE A 10 2.93 -2.13 2.05
CA ILE A 10 2.42 -2.77 0.84
C ILE A 10 1.56 -1.81 0.04
N CYS A 11 1.89 -1.64 -1.24
CA CYS A 11 1.15 -0.75 -2.12
C CYS A 11 0.58 -1.52 -3.32
N PHE A 12 -0.69 -1.33 -3.59
CA PHE A 12 -1.36 -2.00 -4.71
C PHE A 12 -0.89 -1.41 -6.04
N PRO A 13 -1.11 -2.17 -7.13
CA PRO A 13 -0.72 -1.75 -8.48
C PRO A 13 -1.58 -0.60 -8.99
N ASP A 14 -2.84 -0.58 -8.57
CA ASP A 14 -3.77 0.47 -9.00
C ASP A 14 -3.26 1.85 -8.57
N GLY A 1 -3.16 1.64 -7.25
CA GLY A 1 -2.40 2.81 -6.82
C GLY A 1 -2.46 3.01 -5.32
N ARG A 2 -3.59 2.63 -4.71
CA ARG A 2 -3.77 2.77 -3.28
C ARG A 2 -2.71 1.98 -2.51
N CYS A 3 -2.23 2.55 -1.41
CA CYS A 3 -1.21 1.90 -0.60
C CYS A 3 -1.76 1.59 0.80
N THR A 4 -1.15 0.60 1.46
CA THR A 4 -1.57 0.21 2.80
C THR A 4 -1.17 1.26 3.83
N GLN A 5 -2.16 1.77 4.57
CA GLN A 5 -1.90 2.78 5.59
C GLN A 5 -0.98 2.23 6.68
N ALA A 6 -1.19 0.98 7.06
CA ALA A 6 -0.38 0.34 8.08
C ALA A 6 0.76 -0.46 7.46
N TRP A 7 1.42 -1.26 8.28
CA TRP A 7 2.54 -2.08 7.81
C TRP A 7 2.11 -3.53 7.65
N PRO A 8 2.90 -4.29 6.86
CA PRO A 8 4.09 -3.78 6.20
C PRO A 8 3.76 -2.79 5.08
N PRO A 9 4.76 -2.01 4.66
CA PRO A 9 4.60 -1.02 3.59
C PRO A 9 4.40 -1.66 2.23
N ILE A 10 3.19 -2.13 1.97
CA ILE A 10 2.87 -2.77 0.70
C ILE A 10 1.80 -2.00 -0.05
N CYS A 11 2.15 -1.51 -1.25
CA CYS A 11 1.21 -0.76 -2.07
C CYS A 11 0.68 -1.61 -3.21
N PHE A 12 -0.53 -1.31 -3.66
CA PHE A 12 -1.16 -2.04 -4.74
C PHE A 12 -0.80 -1.42 -6.10
N PRO A 13 -0.97 -2.20 -7.17
CA PRO A 13 -0.68 -1.75 -8.54
C PRO A 13 -1.67 -0.71 -9.03
N ASP A 14 -2.92 -0.83 -8.59
CA ASP A 14 -3.96 0.11 -8.99
C ASP A 14 -3.63 1.52 -8.50
N GLY A 1 -2.67 2.23 -7.86
CA GLY A 1 -2.81 3.55 -7.27
C GLY A 1 -2.88 3.49 -5.76
N ARG A 2 -3.87 2.76 -5.24
CA ARG A 2 -4.05 2.63 -3.80
C ARG A 2 -2.75 2.21 -3.13
N CYS A 3 -2.62 2.53 -1.84
CA CYS A 3 -1.43 2.19 -1.07
C CYS A 3 -1.74 2.11 0.41
N THR A 4 -0.84 1.49 1.17
CA THR A 4 -1.02 1.34 2.61
C THR A 4 -0.14 2.32 3.37
N GLN A 5 -0.68 2.89 4.44
CA GLN A 5 0.06 3.84 5.25
C GLN A 5 0.91 3.13 6.31
N ALA A 6 0.38 2.03 6.84
CA ALA A 6 1.09 1.25 7.85
C ALA A 6 1.93 0.16 7.21
N TRP A 7 2.50 -0.71 8.04
CA TRP A 7 3.34 -1.79 7.55
C TRP A 7 2.61 -3.13 7.64
N PRO A 8 3.05 -4.10 6.83
CA PRO A 8 4.17 -3.91 5.90
C PRO A 8 3.82 -2.98 4.76
N PRO A 9 4.85 -2.55 4.01
CA PRO A 9 4.68 -1.64 2.86
C PRO A 9 3.98 -2.33 1.69
N ILE A 10 2.66 -2.35 1.73
CA ILE A 10 1.87 -2.97 0.66
C ILE A 10 1.19 -1.92 -0.20
N CYS A 11 1.66 -1.77 -1.43
CA CYS A 11 1.09 -0.79 -2.36
C CYS A 11 0.40 -1.50 -3.52
N PHE A 12 -0.83 -1.08 -3.81
CA PHE A 12 -1.60 -1.67 -4.90
C PHE A 12 -1.02 -1.27 -6.26
N PRO A 13 -1.36 -2.04 -7.29
CA PRO A 13 -0.88 -1.79 -8.65
C PRO A 13 -1.49 -0.54 -9.26
N ASP A 14 -2.80 -0.38 -9.12
CA ASP A 14 -3.49 0.78 -9.65
C ASP A 14 -2.82 2.07 -9.19
N GLY A 1 -2.35 1.99 -7.41
CA GLY A 1 -1.96 3.25 -6.82
C GLY A 1 -2.18 3.27 -5.32
N ARG A 2 -3.26 2.66 -4.86
CA ARG A 2 -3.57 2.61 -3.44
C ARG A 2 -2.39 2.10 -2.63
N CYS A 3 -2.36 2.46 -1.35
CA CYS A 3 -1.27 2.05 -0.47
C CYS A 3 -1.79 1.77 0.94
N THR A 4 -0.93 1.22 1.78
CA THR A 4 -1.30 0.90 3.16
C THR A 4 -0.64 1.87 4.14
N GLN A 5 -1.45 2.68 4.80
CA GLN A 5 -0.95 3.64 5.78
C GLN A 5 -0.15 2.95 6.86
N ALA A 6 -0.58 1.75 7.24
CA ALA A 6 0.10 0.98 8.28
C ALA A 6 1.09 0.00 7.67
N TRP A 7 1.63 -0.89 8.50
CA TRP A 7 2.59 -1.88 8.03
C TRP A 7 1.94 -3.27 7.94
N PRO A 8 2.58 -4.16 7.17
CA PRO A 8 3.83 -3.86 6.47
C PRO A 8 3.62 -2.88 5.31
N PRO A 9 4.73 -2.32 4.80
CA PRO A 9 4.68 -1.37 3.69
C PRO A 9 4.30 -2.02 2.38
N ILE A 10 2.99 -2.19 2.16
CA ILE A 10 2.49 -2.80 0.94
C ILE A 10 1.63 -1.83 0.14
N CYS A 11 1.96 -1.68 -1.14
CA CYS A 11 1.21 -0.77 -2.01
C CYS A 11 0.67 -1.52 -3.23
N PHE A 12 -0.61 -1.33 -3.52
CA PHE A 12 -1.24 -1.98 -4.66
C PHE A 12 -0.70 -1.42 -5.97
N PRO A 13 -0.89 -2.18 -7.05
CA PRO A 13 -0.44 -1.79 -8.39
C PRO A 13 -1.24 -0.62 -8.96
N ASP A 14 -2.52 -0.56 -8.60
CA ASP A 14 -3.39 0.51 -9.07
C ASP A 14 -2.86 1.87 -8.65
N GLY A 1 -2.84 2.34 -7.34
CA GLY A 1 -3.26 3.58 -6.71
C GLY A 1 -3.11 3.53 -5.20
N ARG A 2 -4.14 3.02 -4.52
CA ARG A 2 -4.13 2.93 -3.07
C ARG A 2 -2.86 2.24 -2.58
N CYS A 3 -2.51 2.47 -1.32
CA CYS A 3 -1.31 1.88 -0.73
C CYS A 3 -1.46 1.76 0.78
N THR A 4 -0.97 0.65 1.33
CA THR A 4 -1.05 0.41 2.77
C THR A 4 -0.29 1.49 3.54
N GLN A 5 -1.02 2.24 4.36
CA GLN A 5 -0.42 3.31 5.15
C GLN A 5 0.49 2.73 6.23
N ALA A 6 0.07 1.62 6.82
CA ALA A 6 0.84 0.97 7.87
C ALA A 6 1.57 -0.26 7.33
N TRP A 7 2.74 -0.54 7.91
CA TRP A 7 3.54 -1.68 7.48
C TRP A 7 2.69 -2.96 7.45
N PRO A 8 3.14 -3.95 6.66
CA PRO A 8 4.36 -3.83 5.86
C PRO A 8 4.21 -2.84 4.71
N PRO A 9 5.34 -2.47 4.10
CA PRO A 9 5.35 -1.53 2.97
C PRO A 9 4.75 -2.13 1.70
N ILE A 10 3.42 -2.18 1.65
CA ILE A 10 2.72 -2.73 0.50
C ILE A 10 1.87 -1.67 -0.19
N CYS A 11 1.81 -1.72 -1.51
CA CYS A 11 1.03 -0.76 -2.28
C CYS A 11 0.37 -1.44 -3.48
N PHE A 12 -0.91 -1.14 -3.70
CA PHE A 12 -1.66 -1.72 -4.81
C PHE A 12 -1.07 -1.28 -6.14
N PRO A 13 -1.40 -2.03 -7.21
CA PRO A 13 -0.93 -1.74 -8.55
C PRO A 13 -1.55 -0.48 -9.14
N ASP A 14 -2.80 -0.22 -8.76
CA ASP A 14 -3.52 0.95 -9.24
C ASP A 14 -2.91 2.23 -8.67
N GLY A 1 -2.78 2.14 -7.63
CA GLY A 1 -2.92 3.48 -7.08
C GLY A 1 -2.94 3.48 -5.57
N ARG A 2 -3.97 2.89 -4.99
CA ARG A 2 -4.10 2.83 -3.54
C ARG A 2 -2.85 2.25 -2.90
N CYS A 3 -2.61 2.62 -1.65
CA CYS A 3 -1.44 2.14 -0.92
C CYS A 3 -1.74 1.99 0.57
N THR A 4 -0.83 1.33 1.29
CA THR A 4 -1.00 1.12 2.72
C THR A 4 -0.17 2.12 3.52
N GLN A 5 -0.74 2.61 4.61
CA GLN A 5 -0.05 3.58 5.47
C GLN A 5 0.72 2.87 6.58
N ALA A 6 0.14 1.78 7.09
CA ALA A 6 0.78 1.00 8.15
C ALA A 6 1.67 -0.09 7.57
N TRP A 7 2.92 -0.13 8.02
CA TRP A 7 3.87 -1.13 7.55
C TRP A 7 3.28 -2.53 7.67
N PRO A 8 3.80 -3.47 6.86
CA PRO A 8 4.88 -3.17 5.90
C PRO A 8 4.39 -2.29 4.75
N PRO A 9 5.35 -1.76 3.97
CA PRO A 9 5.04 -0.89 2.83
C PRO A 9 4.40 -1.66 1.68
N ILE A 10 3.10 -1.91 1.79
CA ILE A 10 2.37 -2.64 0.76
C ILE A 10 1.57 -1.69 -0.12
N CYS A 11 2.01 -1.51 -1.37
CA CYS A 11 1.32 -0.64 -2.30
C CYS A 11 0.60 -1.44 -3.38
N PHE A 12 -0.67 -1.11 -3.61
CA PHE A 12 -1.46 -1.80 -4.61
C PHE A 12 -1.07 -1.37 -6.02
N PRO A 13 -1.42 -2.19 -7.01
CA PRO A 13 -1.11 -1.91 -8.42
C PRO A 13 -1.91 -0.75 -8.97
N ASP A 14 -3.14 -0.59 -8.48
CA ASP A 14 -4.01 0.49 -8.93
C ASP A 14 -3.31 1.83 -8.82
N GLY A 1 -3.31 2.34 -7.54
CA GLY A 1 -3.66 3.55 -6.84
C GLY A 1 -3.55 3.41 -5.33
N ARG A 2 -4.36 2.53 -4.77
CA ARG A 2 -4.36 2.30 -3.33
C ARG A 2 -2.93 2.04 -2.82
N CYS A 3 -2.70 2.33 -1.55
CA CYS A 3 -1.39 2.12 -0.94
C CYS A 3 -1.49 2.09 0.57
N THR A 4 -0.77 1.16 1.20
CA THR A 4 -0.78 1.03 2.65
C THR A 4 0.14 2.04 3.30
N GLN A 5 -0.43 2.93 4.11
CA GLN A 5 0.34 3.96 4.80
C GLN A 5 1.16 3.35 5.94
N ALA A 6 0.57 2.37 6.62
CA ALA A 6 1.24 1.72 7.73
C ALA A 6 1.94 0.43 7.28
N TRP A 7 3.11 0.16 7.85
CA TRP A 7 3.87 -1.02 7.50
C TRP A 7 3.00 -2.28 7.60
N PRO A 8 3.39 -3.33 6.85
CA PRO A 8 4.59 -3.29 6.00
C PRO A 8 4.40 -2.38 4.79
N PRO A 9 5.51 -2.09 4.10
CA PRO A 9 5.50 -1.23 2.91
C PRO A 9 4.82 -1.90 1.72
N ILE A 10 3.50 -1.78 1.66
CA ILE A 10 2.73 -2.38 0.57
C ILE A 10 2.01 -1.31 -0.24
N CYS A 11 1.88 -1.55 -1.54
CA CYS A 11 1.21 -0.61 -2.43
C CYS A 11 0.52 -1.34 -3.58
N PHE A 12 -0.73 -0.94 -3.85
CA PHE A 12 -1.50 -1.55 -4.93
C PHE A 12 -1.08 -1.00 -6.28
N PRO A 13 -1.40 -1.76 -7.35
CA PRO A 13 -1.08 -1.37 -8.73
C PRO A 13 -1.88 -0.17 -9.20
N ASP A 14 -3.20 -0.21 -8.95
CA ASP A 14 -4.08 0.88 -9.35
C ASP A 14 -3.55 2.23 -8.85
N GLY A 1 -3.44 2.09 -7.56
CA GLY A 1 -3.81 3.32 -6.86
C GLY A 1 -3.81 3.15 -5.36
N ARG A 2 -4.61 2.21 -4.87
CA ARG A 2 -4.71 1.95 -3.44
C ARG A 2 -3.33 1.61 -2.85
N CYS A 3 -3.12 1.98 -1.60
CA CYS A 3 -1.85 1.71 -0.93
C CYS A 3 -2.06 1.54 0.57
N THR A 4 -1.16 0.80 1.20
CA THR A 4 -1.24 0.55 2.64
C THR A 4 -0.53 1.64 3.43
N GLN A 5 -1.18 2.14 4.47
CA GLN A 5 -0.60 3.19 5.30
C GLN A 5 0.23 2.59 6.43
N ALA A 6 -0.25 1.48 6.98
CA ALA A 6 0.46 0.81 8.07
C ALA A 6 1.44 -0.23 7.53
N TRP A 7 2.65 -0.23 8.09
CA TRP A 7 3.68 -1.16 7.67
C TRP A 7 3.16 -2.60 7.68
N PRO A 8 3.79 -3.47 6.87
CA PRO A 8 4.93 -3.08 6.03
C PRO A 8 4.51 -2.17 4.88
N PRO A 9 5.51 -1.55 4.22
CA PRO A 9 5.26 -0.64 3.09
C PRO A 9 4.75 -1.39 1.85
N ILE A 10 3.44 -1.42 1.69
CA ILE A 10 2.83 -2.09 0.55
C ILE A 10 2.06 -1.11 -0.32
N CYS A 11 1.99 -1.39 -1.62
CA CYS A 11 1.29 -0.53 -2.56
C CYS A 11 0.72 -1.34 -3.72
N PHE A 12 -0.55 -1.12 -4.02
CA PHE A 12 -1.21 -1.83 -5.11
C PHE A 12 -0.96 -1.14 -6.45
N PRO A 13 -1.15 -1.88 -7.54
CA PRO A 13 -0.96 -1.36 -8.90
C PRO A 13 -2.02 -0.33 -9.28
N ASP A 14 -3.23 -0.52 -8.77
CA ASP A 14 -4.33 0.40 -9.06
C ASP A 14 -3.93 1.84 -8.77
N GLY A 1 -3.02 1.45 -7.23
CA GLY A 1 -2.06 2.48 -6.87
C GLY A 1 -2.09 2.79 -5.39
N ARG A 2 -3.25 2.66 -4.77
CA ARG A 2 -3.42 2.94 -3.35
C ARG A 2 -2.39 2.16 -2.53
N CYS A 3 -2.07 2.68 -1.35
CA CYS A 3 -1.09 2.03 -0.47
C CYS A 3 -1.68 1.79 0.91
N THR A 4 -0.97 1.04 1.74
CA THR A 4 -1.42 0.74 3.09
C THR A 4 -0.96 1.81 4.07
N GLN A 5 -1.50 1.75 5.29
CA GLN A 5 -1.16 2.71 6.32
C GLN A 5 -0.19 2.11 7.33
N ALA A 6 -0.37 0.82 7.62
CA ALA A 6 0.49 0.12 8.57
C ALA A 6 1.59 -0.64 7.86
N TRP A 7 2.38 -1.38 8.62
CA TRP A 7 3.48 -2.16 8.06
C TRP A 7 3.13 -3.65 8.04
N PRO A 8 3.83 -4.40 7.17
CA PRO A 8 4.86 -3.86 6.29
C PRO A 8 4.28 -2.96 5.20
N PRO A 9 5.16 -2.17 4.55
CA PRO A 9 4.76 -1.27 3.47
C PRO A 9 4.35 -2.02 2.21
N ILE A 10 3.05 -2.16 2.02
CA ILE A 10 2.52 -2.86 0.85
C ILE A 10 1.68 -1.92 -0.01
N CYS A 11 2.00 -1.85 -1.29
CA CYS A 11 1.27 -1.00 -2.22
C CYS A 11 0.51 -1.83 -3.25
N PHE A 12 -0.75 -1.46 -3.48
CA PHE A 12 -1.58 -2.19 -4.43
C PHE A 12 -1.18 -1.86 -5.87
N PRO A 13 -1.58 -2.73 -6.81
CA PRO A 13 -1.26 -2.55 -8.23
C PRO A 13 -2.03 -1.39 -8.85
N ASP A 14 -3.24 -1.14 -8.36
CA ASP A 14 -4.06 -0.05 -8.86
C ASP A 14 -3.45 1.30 -8.51
#